data_8T4V
#
_entry.id   8T4V
#
_cell.length_a   41.320
_cell.length_b   65.840
_cell.length_c   60.850
_cell.angle_alpha   90.000
_cell.angle_beta   101.750
_cell.angle_gamma   90.000
#
_symmetry.space_group_name_H-M   'P 1 21 1'
#
loop_
_entity.id
_entity.type
_entity.pdbx_description
1 polymer 'GTPase KRas'
2 non-polymer "GUANOSINE-5'-DIPHOSPHATE"
3 non-polymer 'MAGNESIUM ION'
4 non-polymer '4-{(1R,5S)-3-[(7P)-7-(8-ethynylnaphthalen-1-yl)-8-fluoro-2-{[(4s,7as)-tetrahydro-1H-pyrrolizin-7a(5H)-yl]methoxy}pyrido[4,3-d]pyrimidin-4-yl]-3,8-diazabicyclo[3.2.1]octan-8-yl}-4-oxobutanoic acid'
5 water water
#
_entity_poly.entity_id   1
_entity_poly.type   'polypeptide(L)'
_entity_poly.pdbx_seq_one_letter_code
;MHHHHHHSSGRENLYFQGMTEYKLVVVGADGVGKSALTIQLIQNHFVDEYDPTIEDSYRKQVVIDGETSLLDILDTAGQE
EYSAMRDQYMRTGEGFLLVFAINNTKSFEDIHHYREQIKRVKDSEDVPMVLVGNKSDLPSRTVDTKQAQDLARSYGIPFI
ETSAKTRQGVDDAFYTLVREIRKHKEK
;
_entity_poly.pdbx_strand_id   A,B
#
loop_
_chem_comp.id
_chem_comp.type
_chem_comp.name
_chem_comp.formula
GDP RNA linking GUANOSINE-5'-DIPHOSPHATE 'C10 H15 N5 O11 P2'
MG non-polymer 'MAGNESIUM ION' 'Mg 2'
Y63 non-polymer '4-{(1R,5S)-3-[(7P)-7-(8-ethynylnaphthalen-1-yl)-8-fluoro-2-{[(4s,7as)-tetrahydro-1H-pyrrolizin-7a(5H)-yl]methoxy}pyrido[4,3-d]pyrimidin-4-yl]-3,8-diazabicyclo[3.2.1]octan-8-yl}-4-oxobutanoic acid' 'C37 H37 F N6 O4'
#
# COMPACT_ATOMS: atom_id res chain seq x y z
N GLY A 18 11.98 23.49 29.59
CA GLY A 18 12.84 22.38 29.26
C GLY A 18 12.99 22.22 27.76
N MET A 19 13.88 21.34 27.35
CA MET A 19 14.00 20.89 25.97
C MET A 19 13.53 19.44 25.96
N THR A 20 12.97 19.00 24.84
CA THR A 20 12.66 17.60 24.66
C THR A 20 13.50 17.09 23.51
N GLU A 21 14.07 15.90 23.67
CA GLU A 21 14.82 15.26 22.60
C GLU A 21 13.95 14.25 21.87
N TYR A 22 14.11 14.20 20.55
CA TYR A 22 13.35 13.27 19.72
C TYR A 22 14.33 12.54 18.83
N LYS A 23 14.28 11.20 18.84
CA LYS A 23 15.10 10.40 17.95
C LYS A 23 14.28 10.12 16.69
N LEU A 24 14.69 10.70 15.58
CA LEU A 24 14.00 10.54 14.31
C LEU A 24 14.89 9.69 13.39
N VAL A 25 14.25 8.89 12.54
CA VAL A 25 14.96 8.01 11.60
C VAL A 25 14.38 8.26 10.22
N VAL A 26 15.24 8.49 9.23
CA VAL A 26 14.82 8.81 7.88
C VAL A 26 15.11 7.58 7.04
N VAL A 27 14.07 7.02 6.41
CA VAL A 27 14.19 5.78 5.65
C VAL A 27 13.58 5.95 4.27
N GLY A 28 13.87 4.97 3.41
CA GLY A 28 13.44 5.05 2.03
C GLY A 28 14.54 4.61 1.09
N ALA A 29 14.19 4.49 -0.18
CA ALA A 29 15.09 3.93 -1.18
C ALA A 29 16.30 4.84 -1.39
N ASP A 30 17.36 4.25 -1.94
CA ASP A 30 18.53 5.02 -2.28
C ASP A 30 18.18 6.13 -3.27
N GLY A 31 18.74 7.32 -3.04
CA GLY A 31 18.59 8.40 -4.00
C GLY A 31 17.35 9.24 -3.86
N VAL A 32 16.54 9.03 -2.81
CA VAL A 32 15.29 9.80 -2.72
C VAL A 32 15.47 11.16 -2.07
N GLY A 33 16.62 11.41 -1.45
CA GLY A 33 16.86 12.66 -0.79
C GLY A 33 16.91 12.58 0.73
N LYS A 34 17.13 11.40 1.30
CA LYS A 34 17.17 11.28 2.77
C LYS A 34 18.25 12.17 3.35
N SER A 35 19.45 12.09 2.78
CA SER A 35 20.55 12.88 3.30
C SER A 35 20.33 14.36 3.02
N ALA A 36 19.83 14.70 1.83
CA ALA A 36 19.57 16.10 1.51
C ALA A 36 18.52 16.71 2.44
N LEU A 37 17.47 15.95 2.74
CA LEU A 37 16.47 16.43 3.71
C LEU A 37 17.10 16.63 5.08
N THR A 38 17.89 15.65 5.52
CA THR A 38 18.51 15.72 6.85
C THR A 38 19.41 16.95 6.95
N ILE A 39 20.24 17.18 5.93
CA ILE A 39 21.18 18.30 5.99
C ILE A 39 20.44 19.62 5.86
N GLN A 40 19.32 19.65 5.13
CA GLN A 40 18.50 20.86 5.17
C GLN A 40 18.02 21.17 6.59
N LEU A 41 17.63 20.16 7.34
CA LEU A 41 17.20 20.38 8.71
C LEU A 41 18.35 20.88 9.58
N ILE A 42 19.53 20.24 9.45
CA ILE A 42 20.66 20.49 10.34
C ILE A 42 21.37 21.79 9.97
N GLN A 43 21.48 22.08 8.66
CA GLN A 43 22.36 23.14 8.18
C GLN A 43 21.64 24.21 7.38
N ASN A 44 20.36 24.02 7.04
CA ASN A 44 19.54 25.06 6.43
C ASN A 44 19.97 25.43 5.02
N HIS A 45 20.50 24.49 4.26
CA HIS A 45 20.75 24.68 2.83
C HIS A 45 20.90 23.31 2.18
N PHE A 46 20.99 23.32 0.84
CA PHE A 46 20.91 22.12 0.02
C PHE A 46 22.31 21.61 -0.32
N VAL A 47 22.59 20.38 0.06
CA VAL A 47 23.83 19.71 -0.29
C VAL A 47 23.50 18.62 -1.29
N ASP A 48 23.90 18.85 -2.55
CA ASP A 48 23.44 18.02 -3.67
C ASP A 48 24.21 16.72 -3.82
N GLU A 49 25.50 16.68 -3.51
CA GLU A 49 26.21 15.41 -3.53
C GLU A 49 26.70 15.14 -2.11
N TYR A 50 26.00 14.26 -1.40
CA TYR A 50 26.37 13.88 -0.06
C TYR A 50 26.56 12.38 0.00
N ASP A 51 27.66 11.96 0.67
CA ASP A 51 28.07 10.57 0.92
C ASP A 51 26.97 9.54 0.79
N PRO A 52 26.71 9.03 -0.41
CA PRO A 52 25.56 8.13 -0.61
C PRO A 52 25.63 6.88 0.21
N THR A 53 26.82 6.48 0.68
CA THR A 53 27.03 5.22 1.35
C THR A 53 27.16 5.33 2.87
N ILE A 54 27.19 6.55 3.43
CA ILE A 54 27.47 6.72 4.85
C ILE A 54 26.16 6.88 5.62
N GLU A 55 26.01 6.11 6.68
CA GLU A 55 24.93 6.26 7.63
C GLU A 55 25.48 6.95 8.87
N ASP A 56 24.81 8.03 9.28
CA ASP A 56 25.24 8.74 10.47
C ASP A 56 24.01 9.35 11.13
N SER A 57 24.22 9.81 12.36
CA SER A 57 23.21 10.60 13.05
C SER A 57 23.71 12.04 13.23
N TYR A 58 22.76 12.96 13.28
CA TYR A 58 23.04 14.38 13.29
C TYR A 58 22.08 15.03 14.27
N ARG A 59 22.57 15.97 15.07
CA ARG A 59 21.71 16.59 16.08
C ARG A 59 21.53 18.07 15.78
N LYS A 60 20.33 18.58 16.05
CA LYS A 60 20.05 19.98 15.80
C LYS A 60 19.04 20.44 16.84
N GLN A 61 19.33 21.55 17.50
CA GLN A 61 18.35 22.18 18.36
C GLN A 61 17.49 23.13 17.53
N VAL A 62 16.18 22.99 17.63
CA VAL A 62 15.19 23.83 16.97
C VAL A 62 14.14 24.22 18.00
N VAL A 63 13.11 24.92 17.55
CA VAL A 63 11.97 25.24 18.39
C VAL A 63 10.73 24.87 17.61
N ILE A 64 9.86 24.06 18.22
CA ILE A 64 8.68 23.53 17.56
C ILE A 64 7.47 23.85 18.43
N ASP A 65 6.59 24.72 17.93
CA ASP A 65 5.41 25.15 18.71
C ASP A 65 5.85 25.76 20.03
N GLY A 66 6.94 26.52 19.98
CA GLY A 66 7.49 27.21 21.14
C GLY A 66 8.31 26.36 22.07
N GLU A 67 8.38 25.04 21.85
CA GLU A 67 9.13 24.12 22.71
C GLU A 67 10.50 23.86 22.12
N THR A 68 11.53 24.08 22.93
CA THR A 68 12.89 23.80 22.49
C THR A 68 13.01 22.30 22.29
N SER A 69 13.47 21.90 21.10
CA SER A 69 13.47 20.51 20.72
C SER A 69 14.82 20.16 20.13
N LEU A 70 15.43 19.09 20.64
CA LEU A 70 16.68 18.58 20.09
C LEU A 70 16.31 17.41 19.19
N LEU A 71 16.53 17.56 17.90
CA LEU A 71 16.27 16.51 16.94
C LEU A 71 17.53 15.72 16.70
N ASP A 72 17.46 14.41 16.94
CA ASP A 72 18.60 13.51 16.77
C ASP A 72 18.19 12.64 15.58
N ILE A 73 18.79 12.88 14.42
CA ILE A 73 18.28 12.35 13.16
C ILE A 73 19.24 11.30 12.62
N LEU A 74 18.75 10.07 12.48
CA LEU A 74 19.49 8.97 11.87
C LEU A 74 19.15 8.94 10.39
N ASP A 75 20.14 9.24 9.55
CA ASP A 75 20.02 9.26 8.10
C ASP A 75 20.51 7.88 7.65
N THR A 76 19.58 7.01 7.24
CA THR A 76 19.96 5.62 6.98
C THR A 76 20.66 5.46 5.64
N ALA A 77 21.58 4.50 5.60
CA ALA A 77 22.29 4.16 4.36
C ALA A 77 23.07 2.88 4.62
N GLY A 78 23.55 2.30 3.54
CA GLY A 78 24.40 1.15 3.62
C GLY A 78 23.74 -0.08 3.04
N GLN A 79 24.25 -1.23 3.46
CA GLN A 79 23.76 -2.50 2.94
C GLN A 79 22.45 -2.90 3.61
N GLU A 80 21.58 -3.54 2.83
CA GLU A 80 20.37 -4.11 3.39
C GLU A 80 20.74 -5.30 4.26
N GLU A 81 20.51 -5.18 5.57
CA GLU A 81 20.88 -6.22 6.53
C GLU A 81 19.76 -6.35 7.54
N TYR A 82 19.41 -7.60 7.87
CA TYR A 82 18.40 -7.90 8.88
C TYR A 82 19.09 -8.69 9.97
N SER A 83 19.34 -8.05 11.11
CA SER A 83 20.05 -8.68 12.21
C SER A 83 19.53 -8.10 13.50
N ALA A 84 19.77 -8.84 14.59
CA ALA A 84 19.41 -8.35 15.92
C ALA A 84 20.05 -7.00 16.20
N MET A 85 21.33 -6.83 15.87
CA MET A 85 21.98 -5.55 16.13
C MET A 85 21.33 -4.41 15.35
N ARG A 86 21.06 -4.61 14.06
CA ARG A 86 20.50 -3.50 13.30
C ARG A 86 19.06 -3.21 13.70
N ASP A 87 18.28 -4.25 13.98
CA ASP A 87 16.94 -4.06 14.49
C ASP A 87 16.93 -3.22 15.77
N GLN A 88 17.85 -3.52 16.70
CA GLN A 88 17.84 -2.81 17.97
C GLN A 88 18.25 -1.35 17.80
N TYR A 89 19.11 -1.06 16.82
CA TYR A 89 19.47 0.32 16.54
C TYR A 89 18.29 1.05 15.91
N MET A 90 17.59 0.39 14.99
CA MET A 90 16.45 1.02 14.33
C MET A 90 15.33 1.24 15.33
N ARG A 91 15.23 0.34 16.32
CA ARG A 91 14.21 0.37 17.35
C ARG A 91 14.33 1.57 18.26
N THR A 92 15.50 2.21 18.31
CA THR A 92 15.65 3.41 19.13
C THR A 92 14.98 4.62 18.51
N GLY A 93 14.59 4.54 17.23
CA GLY A 93 13.85 5.65 16.64
C GLY A 93 12.52 5.82 17.31
N GLU A 94 12.16 7.06 17.65
CA GLU A 94 10.81 7.31 18.13
C GLU A 94 9.82 7.64 17.03
N GLY A 95 10.30 8.10 15.88
CA GLY A 95 9.42 8.35 14.75
C GLY A 95 10.23 8.24 13.49
N PHE A 96 9.54 7.98 12.39
CA PHE A 96 10.21 7.68 11.13
C PHE A 96 9.63 8.51 9.99
N LEU A 97 10.51 9.02 9.12
CA LEU A 97 10.11 9.66 7.87
C LEU A 97 10.22 8.60 6.78
N LEU A 98 9.12 8.32 6.09
CA LEU A 98 9.10 7.40 4.95
C LEU A 98 9.22 8.26 3.69
N VAL A 99 10.41 8.28 3.10
CA VAL A 99 10.70 9.20 2.02
C VAL A 99 10.68 8.47 0.69
N PHE A 100 9.95 9.02 -0.27
CA PHE A 100 10.09 8.66 -1.69
C PHE A 100 10.29 9.94 -2.49
N ALA A 101 10.61 9.84 -3.78
CA ALA A 101 10.75 11.02 -4.64
C ALA A 101 9.62 11.08 -5.65
N ILE A 102 9.07 12.28 -5.87
CA ILE A 102 7.87 12.42 -6.70
C ILE A 102 8.12 12.18 -8.18
N ASN A 103 9.37 12.05 -8.61
CA ASN A 103 9.70 11.70 -9.98
C ASN A 103 10.21 10.27 -10.09
N ASN A 104 9.92 9.43 -9.11
CA ASN A 104 10.49 8.09 -9.04
C ASN A 104 9.41 7.15 -8.50
N THR A 105 8.63 6.56 -9.43
CA THR A 105 7.55 5.69 -8.98
C THR A 105 8.06 4.47 -8.23
N LYS A 106 9.28 4.00 -8.53
CA LYS A 106 9.76 2.81 -7.82
C LYS A 106 9.99 3.10 -6.35
N SER A 107 10.48 4.30 -6.02
CA SER A 107 10.67 4.65 -4.62
C SER A 107 9.34 4.71 -3.89
N PHE A 108 8.28 5.14 -4.58
CA PHE A 108 6.95 5.15 -4.00
C PHE A 108 6.46 3.74 -3.74
N GLU A 109 6.71 2.84 -4.69
CA GLU A 109 6.27 1.47 -4.52
C GLU A 109 7.00 0.77 -3.39
N ASP A 110 8.19 1.23 -3.03
CA ASP A 110 8.94 0.59 -1.96
C ASP A 110 8.48 1.03 -0.58
N ILE A 111 7.67 2.09 -0.48
CA ILE A 111 7.34 2.63 0.83
C ILE A 111 6.77 1.54 1.74
N HIS A 112 5.91 0.68 1.18
CA HIS A 112 5.27 -0.31 2.03
C HIS A 112 6.28 -1.20 2.74
N HIS A 113 7.38 -1.55 2.07
CA HIS A 113 8.40 -2.37 2.70
C HIS A 113 8.99 -1.67 3.92
N TYR A 114 9.32 -0.37 3.78
CA TYR A 114 9.95 0.32 4.90
C TYR A 114 8.99 0.43 6.07
N ARG A 115 7.73 0.72 5.80
CA ARG A 115 6.75 0.74 6.87
C ARG A 115 6.66 -0.63 7.53
N GLU A 116 6.70 -1.70 6.73
CA GLU A 116 6.61 -3.05 7.29
C GLU A 116 7.75 -3.32 8.27
N GLN A 117 8.97 -2.92 7.91
CA GLN A 117 10.13 -3.16 8.75
C GLN A 117 10.06 -2.34 10.04
N ILE A 118 9.51 -1.12 9.97
CA ILE A 118 9.42 -0.31 11.19
C ILE A 118 8.46 -0.96 12.18
N LYS A 119 7.29 -1.40 11.72
CA LYS A 119 6.33 -2.03 12.62
C LYS A 119 6.92 -3.27 13.29
N ARG A 120 7.69 -4.05 12.54
CA ARG A 120 8.30 -5.26 13.09
C ARG A 120 9.22 -4.94 14.24
N VAL A 121 10.22 -4.09 14.01
CA VAL A 121 11.21 -3.81 15.05
C VAL A 121 10.61 -3.03 16.21
N LYS A 122 9.56 -2.25 15.96
CA LYS A 122 8.91 -1.51 17.04
C LYS A 122 7.88 -2.36 17.76
N ASP A 123 7.41 -3.43 17.12
CA ASP A 123 6.42 -4.34 17.68
C ASP A 123 5.19 -3.55 18.16
N SER A 124 4.69 -2.70 17.27
CA SER A 124 3.52 -1.91 17.58
C SER A 124 2.87 -1.49 16.27
N GLU A 125 1.55 -1.50 16.25
CA GLU A 125 0.82 -0.93 15.12
C GLU A 125 0.79 0.58 15.16
N ASP A 126 1.20 1.18 16.28
CA ASP A 126 1.14 2.62 16.48
C ASP A 126 2.60 3.10 16.60
N VAL A 127 3.20 3.41 15.47
CA VAL A 127 4.53 4.00 15.41
C VAL A 127 4.40 5.35 14.71
N PRO A 128 4.87 6.44 15.32
CA PRO A 128 4.84 7.74 14.64
C PRO A 128 5.61 7.68 13.32
N MET A 129 4.92 8.06 12.24
CA MET A 129 5.49 8.07 10.91
C MET A 129 4.87 9.20 10.09
N VAL A 130 5.64 9.73 9.15
CA VAL A 130 5.12 10.68 8.18
C VAL A 130 5.62 10.24 6.82
N LEU A 131 4.72 10.21 5.85
CA LEU A 131 5.09 9.94 4.48
C LEU A 131 5.59 11.24 3.84
N VAL A 132 6.74 11.20 3.19
CA VAL A 132 7.35 12.39 2.60
C VAL A 132 7.58 12.14 1.12
N GLY A 133 6.98 12.99 0.28
CA GLY A 133 7.24 13.00 -1.16
C GLY A 133 8.20 14.12 -1.49
N ASN A 134 9.46 13.76 -1.73
CA ASN A 134 10.53 14.71 -1.92
C ASN A 134 10.75 14.98 -3.40
N LYS A 135 11.54 16.02 -3.67
CA LYS A 135 11.89 16.48 -5.02
C LYS A 135 10.72 17.19 -5.70
N SER A 136 9.88 17.87 -4.90
CA SER A 136 8.70 18.53 -5.44
C SER A 136 9.05 19.68 -6.38
N ASP A 137 10.31 20.09 -6.43
CA ASP A 137 10.73 21.15 -7.33
C ASP A 137 10.87 20.68 -8.76
N LEU A 138 10.96 19.37 -8.99
CA LEU A 138 11.20 18.84 -10.32
C LEU A 138 9.90 18.83 -11.13
N PRO A 139 9.97 19.24 -12.41
CA PRO A 139 8.74 19.24 -13.23
C PRO A 139 8.29 17.86 -13.64
N SER A 140 9.21 16.89 -13.73
CA SER A 140 8.92 15.56 -14.27
C SER A 140 8.18 14.67 -13.28
N ARG A 141 7.05 15.16 -12.76
CA ARG A 141 6.36 14.44 -11.70
C ARG A 141 5.68 13.19 -12.26
N THR A 142 5.92 12.07 -11.60
CA THR A 142 5.27 10.80 -11.91
C THR A 142 4.43 10.25 -10.78
N VAL A 143 4.53 10.79 -9.56
CA VAL A 143 3.70 10.36 -8.44
C VAL A 143 2.75 11.50 -8.13
N ASP A 144 1.49 11.31 -8.48
CA ASP A 144 0.46 12.31 -8.23
C ASP A 144 0.27 12.50 -6.73
N THR A 145 0.05 13.75 -6.33
CA THR A 145 -0.14 14.08 -4.92
C THR A 145 -1.30 13.29 -4.33
N LYS A 146 -2.37 13.11 -5.11
CA LYS A 146 -3.52 12.40 -4.59
C LYS A 146 -3.20 10.93 -4.35
N GLN A 147 -2.37 10.32 -5.19
CA GLN A 147 -1.98 8.93 -4.96
C GLN A 147 -1.19 8.79 -3.67
N ALA A 148 -0.31 9.75 -3.39
CA ALA A 148 0.46 9.68 -2.15
C ALA A 148 -0.43 9.92 -0.94
N GLN A 149 -1.38 10.85 -1.06
CA GLN A 149 -2.34 11.08 0.01
C GLN A 149 -3.13 9.82 0.32
N ASP A 150 -3.53 9.06 -0.73
CA ASP A 150 -4.28 7.83 -0.50
C ASP A 150 -3.44 6.80 0.21
N LEU A 151 -2.16 6.69 -0.16
CA LEU A 151 -1.27 5.80 0.56
C LEU A 151 -1.16 6.20 2.03
N ALA A 152 -0.96 7.51 2.28
CA ALA A 152 -0.87 7.96 3.66
C ALA A 152 -2.17 7.69 4.41
N ARG A 153 -3.32 7.87 3.74
CA ARG A 153 -4.59 7.54 4.37
C ARG A 153 -4.67 6.07 4.75
N SER A 154 -4.19 5.19 3.87
CA SER A 154 -4.21 3.77 4.14
C SER A 154 -3.40 3.42 5.39
N TYR A 155 -2.36 4.21 5.70
CA TYR A 155 -1.55 4.01 6.90
C TYR A 155 -2.00 4.85 8.08
N GLY A 156 -2.92 5.78 7.88
CA GLY A 156 -3.32 6.68 8.96
C GLY A 156 -2.25 7.65 9.38
N ILE A 157 -1.43 8.13 8.44
CA ILE A 157 -0.33 9.02 8.79
C ILE A 157 -0.40 10.26 7.91
N PRO A 158 0.28 11.34 8.32
CA PRO A 158 0.36 12.53 7.48
C PRO A 158 1.24 12.31 6.27
N PHE A 159 0.92 13.06 5.21
CA PHE A 159 1.73 13.12 4.01
C PHE A 159 2.17 14.55 3.78
N ILE A 160 3.46 14.76 3.55
CA ILE A 160 4.01 16.08 3.31
C ILE A 160 4.85 16.00 2.04
N GLU A 161 4.65 16.94 1.11
CA GLU A 161 5.54 17.06 -0.03
C GLU A 161 6.67 18.04 0.28
N THR A 162 7.89 17.67 -0.11
CA THR A 162 9.08 18.47 0.22
C THR A 162 9.95 18.66 -1.01
N SER A 163 10.80 19.68 -0.94
CA SER A 163 11.96 19.79 -1.82
C SER A 163 13.15 20.06 -0.92
N ALA A 164 14.04 19.08 -0.79
CA ALA A 164 15.31 19.35 -0.14
C ALA A 164 16.12 20.39 -0.90
N LYS A 165 15.85 20.58 -2.19
CA LYS A 165 16.58 21.61 -2.94
C LYS A 165 16.16 23.02 -2.54
N THR A 166 14.86 23.32 -2.56
CA THR A 166 14.40 24.65 -2.22
C THR A 166 14.11 24.83 -0.74
N ARG A 167 14.05 23.74 0.02
CA ARG A 167 13.67 23.67 1.44
C ARG A 167 12.16 23.70 1.66
N GLN A 168 11.33 23.83 0.62
CA GLN A 168 9.88 23.81 0.79
C GLN A 168 9.47 22.52 1.47
N GLY A 169 8.67 22.66 2.53
CA GLY A 169 8.12 21.51 3.21
C GLY A 169 9.03 20.83 4.21
N VAL A 170 10.32 21.19 4.25
CA VAL A 170 11.25 20.42 5.07
C VAL A 170 10.91 20.53 6.55
N ASP A 171 10.76 21.75 7.06
CA ASP A 171 10.43 21.88 8.46
C ASP A 171 9.08 21.26 8.75
N ASP A 172 8.12 21.41 7.83
CA ASP A 172 6.81 20.81 8.04
C ASP A 172 6.93 19.31 8.18
N ALA A 173 7.80 18.67 7.40
CA ALA A 173 7.91 17.21 7.48
C ALA A 173 8.47 16.77 8.84
N PHE A 174 9.58 17.38 9.27
CA PHE A 174 10.19 16.99 10.53
C PHE A 174 9.34 17.41 11.71
N TYR A 175 8.74 18.61 11.66
CA TYR A 175 7.95 19.08 12.79
C TYR A 175 6.64 18.31 12.90
N THR A 176 6.04 17.95 11.76
CA THR A 176 4.85 17.10 11.81
C THR A 176 5.19 15.76 12.46
N LEU A 177 6.35 15.19 12.15
CA LEU A 177 6.74 13.95 12.79
C LEU A 177 6.90 14.12 14.30
N VAL A 178 7.51 15.23 14.73
CA VAL A 178 7.61 15.50 16.17
C VAL A 178 6.23 15.58 16.80
N ARG A 179 5.28 16.23 16.12
CA ARG A 179 3.94 16.32 16.65
C ARG A 179 3.28 14.94 16.72
N GLU A 180 3.59 14.04 15.78
CA GLU A 180 3.08 12.68 15.87
C GLU A 180 3.69 11.94 17.05
N ILE A 181 4.99 12.15 17.32
CA ILE A 181 5.63 11.51 18.47
C ILE A 181 5.01 12.01 19.76
N ARG A 182 4.74 13.33 19.84
CA ARG A 182 4.11 13.89 21.03
C ARG A 182 2.78 13.23 21.31
N LYS A 183 1.96 13.07 20.27
CA LYS A 183 0.70 12.35 20.42
C LYS A 183 0.93 10.96 21.00
N HIS A 184 1.89 10.23 20.45
CA HIS A 184 2.17 8.86 20.90
C HIS A 184 2.60 8.83 22.36
N LYS A 185 3.49 9.74 22.76
CA LYS A 185 4.02 9.74 24.12
C LYS A 185 2.94 10.05 25.14
N GLU A 186 1.89 10.76 24.74
CA GLU A 186 0.83 11.09 25.69
C GLU A 186 -0.01 9.90 26.10
N LYS A 187 0.08 8.78 25.38
CA LYS A 187 -0.83 7.65 25.62
C LYS A 187 -0.49 6.92 26.92
N GLY B 18 1.08 8.01 -21.11
CA GLY B 18 -0.13 7.32 -21.50
C GLY B 18 -0.81 6.64 -20.32
N MET B 19 -1.87 5.90 -20.59
CA MET B 19 -2.62 5.22 -19.55
C MET B 19 -3.31 4.02 -20.16
N THR B 20 -3.57 3.03 -19.32
CA THR B 20 -4.31 1.85 -19.72
C THR B 20 -5.44 1.62 -18.74
N GLU B 21 -6.60 1.27 -19.26
CA GLU B 21 -7.76 0.96 -18.43
C GLU B 21 -7.90 -0.55 -18.31
N TYR B 22 -8.36 -0.99 -17.13
CA TYR B 22 -8.58 -2.40 -16.87
C TYR B 22 -9.93 -2.58 -16.20
N LYS B 23 -10.73 -3.47 -16.73
CA LYS B 23 -12.02 -3.82 -16.16
C LYS B 23 -11.88 -5.08 -15.33
N LEU B 24 -12.04 -4.93 -14.03
CA LEU B 24 -11.88 -6.01 -13.05
C LEU B 24 -13.24 -6.32 -12.47
N VAL B 25 -13.50 -7.60 -12.22
CA VAL B 25 -14.76 -8.01 -11.64
C VAL B 25 -14.46 -8.84 -10.41
N VAL B 26 -15.14 -8.55 -9.29
CA VAL B 26 -14.90 -9.21 -8.01
C VAL B 26 -16.09 -10.14 -7.76
N VAL B 27 -15.83 -11.44 -7.73
CA VAL B 27 -16.88 -12.43 -7.58
C VAL B 27 -16.63 -13.31 -6.36
N GLY B 28 -17.69 -14.00 -5.93
CA GLY B 28 -17.58 -14.90 -4.81
C GLY B 28 -18.84 -14.83 -3.95
N ALA B 29 -18.91 -15.70 -2.94
CA ALA B 29 -20.10 -15.86 -2.15
C ALA B 29 -20.44 -14.59 -1.39
N ASP B 30 -21.71 -14.47 -1.01
CA ASP B 30 -22.10 -13.36 -0.17
C ASP B 30 -21.34 -13.40 1.14
N GLY B 31 -20.90 -12.23 1.60
CA GLY B 31 -20.30 -12.11 2.92
C GLY B 31 -18.82 -12.40 2.99
N VAL B 32 -18.16 -12.65 1.86
CA VAL B 32 -16.74 -12.97 1.90
C VAL B 32 -15.85 -11.73 1.99
N GLY B 33 -16.39 -10.55 1.71
CA GLY B 33 -15.62 -9.33 1.78
C GLY B 33 -15.36 -8.68 0.43
N LYS B 34 -16.14 -8.99 -0.60
CA LYS B 34 -15.95 -8.35 -1.91
C LYS B 34 -16.07 -6.84 -1.81
N SER B 35 -17.13 -6.35 -1.17
CA SER B 35 -17.30 -4.91 -1.05
C SER B 35 -16.21 -4.30 -0.19
N ALA B 36 -15.88 -4.94 0.93
CA ALA B 36 -14.83 -4.39 1.80
C ALA B 36 -13.48 -4.32 1.07
N LEU B 37 -13.16 -5.35 0.28
CA LEU B 37 -11.91 -5.32 -0.46
C LEU B 37 -11.93 -4.18 -1.46
N THR B 38 -13.03 -4.04 -2.19
CA THR B 38 -13.14 -2.98 -3.20
C THR B 38 -13.02 -1.61 -2.57
N ILE B 39 -13.69 -1.39 -1.44
CA ILE B 39 -13.66 -0.08 -0.79
C ILE B 39 -12.28 0.19 -0.21
N GLN B 40 -11.55 -0.85 0.21
CA GLN B 40 -10.17 -0.64 0.64
C GLN B 40 -9.31 -0.18 -0.51
N LEU B 41 -9.50 -0.77 -1.69
CA LEU B 41 -8.72 -0.32 -2.82
C LEU B 41 -9.09 1.10 -3.22
N ILE B 42 -10.39 1.43 -3.23
CA ILE B 42 -10.84 2.71 -3.77
C ILE B 42 -10.67 3.84 -2.74
N GLN B 43 -11.06 3.59 -1.48
CA GLN B 43 -11.13 4.63 -0.46
C GLN B 43 -10.06 4.50 0.61
N ASN B 44 -9.31 3.39 0.62
CA ASN B 44 -8.14 3.24 1.48
C ASN B 44 -8.50 3.17 2.96
N HIS B 45 -9.72 2.72 3.28
CA HIS B 45 -10.04 2.33 4.64
C HIS B 45 -11.05 1.19 4.64
N PHE B 46 -11.28 0.62 5.82
CA PHE B 46 -12.14 -0.55 6.00
C PHE B 46 -13.56 -0.10 6.35
N VAL B 47 -14.51 -0.46 5.49
CA VAL B 47 -15.91 -0.18 5.76
C VAL B 47 -16.56 -1.51 6.10
N ASP B 48 -16.91 -1.72 7.37
CA ASP B 48 -17.31 -3.06 7.81
C ASP B 48 -18.79 -3.37 7.60
N GLU B 49 -19.61 -2.40 7.23
CA GLU B 49 -21.01 -2.67 6.94
C GLU B 49 -21.32 -1.98 5.63
N TYR B 50 -21.62 -2.77 4.60
CA TYR B 50 -21.93 -2.22 3.28
C TYR B 50 -23.02 -3.06 2.68
N ASP B 51 -24.13 -2.41 2.29
CA ASP B 51 -25.34 -3.08 1.80
C ASP B 51 -24.98 -4.31 0.96
N PRO B 52 -25.28 -5.52 1.42
CA PRO B 52 -24.89 -6.72 0.66
C PRO B 52 -25.56 -6.85 -0.69
N THR B 53 -26.60 -6.05 -0.98
CA THR B 53 -27.31 -6.12 -2.24
C THR B 53 -26.84 -5.12 -3.28
N ILE B 54 -25.96 -4.18 -2.92
CA ILE B 54 -25.53 -3.17 -3.88
C ILE B 54 -24.45 -3.74 -4.77
N GLU B 55 -24.71 -3.76 -6.07
CA GLU B 55 -23.73 -4.10 -7.09
C GLU B 55 -23.42 -2.82 -7.85
N ASP B 56 -22.14 -2.51 -8.01
CA ASP B 56 -21.80 -1.26 -8.68
C ASP B 56 -20.37 -1.35 -9.18
N SER B 57 -20.02 -0.39 -10.03
CA SER B 57 -18.66 -0.24 -10.54
C SER B 57 -17.98 0.94 -9.85
N TYR B 58 -16.73 0.75 -9.48
CA TYR B 58 -15.96 1.75 -8.77
C TYR B 58 -14.67 2.00 -9.52
N ARG B 59 -14.22 3.25 -9.55
CA ARG B 59 -13.05 3.57 -10.34
C ARG B 59 -11.92 4.00 -9.42
N LYS B 60 -10.70 3.77 -9.89
CA LYS B 60 -9.56 4.32 -9.19
C LYS B 60 -8.40 4.30 -10.16
N GLN B 61 -7.75 5.44 -10.30
CA GLN B 61 -6.53 5.51 -11.06
C GLN B 61 -5.34 5.39 -10.12
N VAL B 62 -4.44 4.45 -10.43
CA VAL B 62 -3.23 4.19 -9.67
C VAL B 62 -2.09 3.95 -10.64
N VAL B 63 -0.88 3.92 -10.11
CA VAL B 63 0.31 3.57 -10.88
C VAL B 63 0.74 2.17 -10.50
N ILE B 64 0.85 1.30 -11.50
CA ILE B 64 1.21 -0.10 -11.30
C ILE B 64 2.43 -0.35 -12.18
N ASP B 65 3.57 -0.63 -11.53
CA ASP B 65 4.84 -0.79 -12.24
C ASP B 65 5.13 0.40 -13.15
N GLY B 66 4.85 1.60 -12.66
CA GLY B 66 5.14 2.82 -13.39
C GLY B 66 4.10 3.25 -14.39
N GLU B 67 3.11 2.41 -14.71
CA GLU B 67 2.08 2.72 -15.70
C GLU B 67 0.83 3.28 -15.02
N THR B 68 0.36 4.43 -15.50
CA THR B 68 -0.92 4.95 -15.05
C THR B 68 -2.01 3.97 -15.44
N SER B 69 -2.72 3.45 -14.44
CA SER B 69 -3.69 2.38 -14.66
C SER B 69 -5.03 2.84 -14.14
N LEU B 70 -6.05 2.83 -15.00
CA LEU B 70 -7.41 3.16 -14.59
C LEU B 70 -8.12 1.84 -14.31
N LEU B 71 -8.44 1.60 -13.05
CA LEU B 71 -9.12 0.37 -12.67
C LEU B 71 -10.62 0.65 -12.58
N ASP B 72 -11.41 -0.15 -13.26
CA ASP B 72 -12.86 -0.06 -13.18
C ASP B 72 -13.29 -1.39 -12.57
N ILE B 73 -13.77 -1.36 -11.33
CA ILE B 73 -13.95 -2.57 -10.54
C ILE B 73 -15.43 -2.82 -10.31
N LEU B 74 -15.93 -3.93 -10.81
CA LEU B 74 -17.33 -4.32 -10.62
C LEU B 74 -17.41 -5.19 -9.39
N ASP B 75 -18.03 -4.68 -8.33
CA ASP B 75 -18.22 -5.41 -7.09
C ASP B 75 -19.60 -6.06 -7.18
N THR B 76 -19.64 -7.39 -7.32
CA THR B 76 -20.89 -8.06 -7.66
C THR B 76 -21.80 -8.28 -6.44
N ALA B 77 -23.12 -8.28 -6.70
CA ALA B 77 -24.12 -8.53 -5.68
C ALA B 77 -25.46 -8.69 -6.39
N GLY B 78 -26.39 -9.31 -5.70
CA GLY B 78 -27.71 -9.47 -6.25
C GLY B 78 -28.15 -10.92 -6.16
N GLN B 79 -29.19 -11.23 -6.91
CA GLN B 79 -29.71 -12.59 -6.88
C GLN B 79 -28.90 -13.47 -7.81
N GLU B 80 -28.95 -14.78 -7.58
CA GLU B 80 -28.33 -15.71 -8.51
C GLU B 80 -29.25 -15.83 -9.72
N GLU B 81 -28.92 -15.13 -10.77
CA GLU B 81 -29.72 -15.10 -11.97
C GLU B 81 -28.84 -15.21 -13.20
N TYR B 82 -29.27 -16.06 -14.12
CA TYR B 82 -28.58 -16.27 -15.38
C TYR B 82 -29.46 -15.71 -16.47
N SER B 83 -28.96 -14.69 -17.12
CA SER B 83 -29.63 -14.08 -18.26
C SER B 83 -28.54 -13.71 -19.24
N ALA B 84 -28.92 -13.63 -20.51
CA ALA B 84 -27.97 -13.15 -21.50
C ALA B 84 -27.48 -11.77 -21.12
N MET B 85 -28.33 -10.97 -20.49
CA MET B 85 -28.00 -9.62 -20.06
C MET B 85 -26.91 -9.62 -18.98
N ARG B 86 -27.08 -10.46 -17.96
CA ARG B 86 -26.04 -10.53 -16.93
C ARG B 86 -24.74 -11.07 -17.50
N ASP B 87 -24.82 -12.06 -18.40
CA ASP B 87 -23.62 -12.55 -19.07
C ASP B 87 -22.93 -11.41 -19.78
N GLN B 88 -23.71 -10.58 -20.47
CA GLN B 88 -23.16 -9.49 -21.25
C GLN B 88 -22.43 -8.49 -20.35
N TYR B 89 -22.96 -8.26 -19.15
CA TYR B 89 -22.31 -7.44 -18.13
C TYR B 89 -21.00 -8.07 -17.63
N MET B 90 -21.05 -9.35 -17.25
CA MET B 90 -19.84 -10.02 -16.76
C MET B 90 -18.78 -10.17 -17.84
N ARG B 91 -19.21 -10.37 -19.08
CA ARG B 91 -18.29 -10.54 -20.20
C ARG B 91 -17.42 -9.30 -20.41
N THR B 92 -17.90 -8.12 -20.01
CA THR B 92 -17.08 -6.92 -20.12
C THR B 92 -15.82 -7.02 -19.26
N GLY B 93 -15.85 -7.84 -18.23
CA GLY B 93 -14.68 -8.03 -17.39
C GLY B 93 -13.47 -8.58 -18.12
N GLU B 94 -12.32 -7.98 -17.90
CA GLU B 94 -11.09 -8.51 -18.45
C GLU B 94 -10.38 -9.46 -17.49
N GLY B 95 -10.58 -9.27 -16.19
CA GLY B 95 -10.03 -10.16 -15.19
C GLY B 95 -10.95 -10.21 -13.99
N PHE B 96 -10.83 -11.30 -13.23
CA PHE B 96 -11.76 -11.57 -12.15
C PHE B 96 -11.00 -11.95 -10.89
N LEU B 97 -11.41 -11.37 -9.76
CA LEU B 97 -10.95 -11.83 -8.45
C LEU B 97 -11.94 -12.86 -7.96
N LEU B 98 -11.46 -14.05 -7.63
CA LEU B 98 -12.28 -15.13 -7.09
C LEU B 98 -12.06 -15.11 -5.58
N VAL B 99 -13.04 -14.56 -4.84
CA VAL B 99 -12.87 -14.27 -3.42
C VAL B 99 -13.63 -15.30 -2.59
N PHE B 100 -12.93 -15.91 -1.64
CA PHE B 100 -13.56 -16.69 -0.58
C PHE B 100 -13.08 -16.13 0.75
N ALA B 101 -13.71 -16.56 1.84
CA ALA B 101 -13.28 -16.16 3.18
C ALA B 101 -12.65 -17.38 3.85
N ILE B 102 -11.51 -17.15 4.50
CA ILE B 102 -10.71 -18.27 5.04
C ILE B 102 -11.41 -18.98 6.19
N ASN B 103 -12.45 -18.37 6.76
CA ASN B 103 -13.25 -19.01 7.81
C ASN B 103 -14.60 -19.54 7.29
N ASN B 104 -14.78 -19.66 5.98
CA ASN B 104 -16.06 -20.08 5.40
C ASN B 104 -15.78 -21.13 4.32
N THR B 105 -15.83 -22.40 4.71
CA THR B 105 -15.53 -23.48 3.78
C THR B 105 -16.46 -23.47 2.58
N LYS B 106 -17.76 -23.19 2.80
CA LYS B 106 -18.69 -23.17 1.68
C LYS B 106 -18.25 -22.14 0.63
N SER B 107 -17.80 -20.96 1.07
CA SER B 107 -17.38 -19.96 0.10
C SER B 107 -16.19 -20.45 -0.72
N PHE B 108 -15.32 -21.26 -0.11
CA PHE B 108 -14.20 -21.83 -0.84
C PHE B 108 -14.67 -22.88 -1.83
N GLU B 109 -15.60 -23.75 -1.40
CA GLU B 109 -16.13 -24.75 -2.31
C GLU B 109 -16.88 -24.11 -3.47
N ASP B 110 -17.42 -22.90 -3.29
CA ASP B 110 -18.20 -22.26 -4.34
C ASP B 110 -17.31 -21.68 -5.45
N ILE B 111 -15.99 -21.60 -5.21
CA ILE B 111 -15.09 -20.94 -6.16
C ILE B 111 -15.16 -21.62 -7.52
N HIS B 112 -15.19 -22.94 -7.54
CA HIS B 112 -15.21 -23.69 -8.79
C HIS B 112 -16.39 -23.23 -9.64
N HIS B 113 -17.56 -23.07 -9.03
CA HIS B 113 -18.74 -22.60 -9.75
C HIS B 113 -18.50 -21.24 -10.39
N TYR B 114 -17.93 -20.29 -9.62
CA TYR B 114 -17.70 -18.96 -10.18
C TYR B 114 -16.72 -19.01 -11.34
N ARG B 115 -15.67 -19.81 -11.20
CA ARG B 115 -14.73 -19.95 -12.31
C ARG B 115 -15.40 -20.55 -13.53
N GLU B 116 -16.32 -21.52 -13.36
CA GLU B 116 -16.98 -22.11 -14.52
C GLU B 116 -17.84 -21.06 -15.24
N GLN B 117 -18.54 -20.21 -14.48
CA GLN B 117 -19.36 -19.19 -15.12
C GLN B 117 -18.50 -18.16 -15.84
N ILE B 118 -17.32 -17.85 -15.28
CA ILE B 118 -16.41 -16.93 -15.96
C ILE B 118 -15.94 -17.53 -17.28
N LYS B 119 -15.50 -18.79 -17.25
CA LYS B 119 -15.05 -19.46 -18.47
C LYS B 119 -16.16 -19.50 -19.50
N ARG B 120 -17.40 -19.73 -19.06
CA ARG B 120 -18.52 -19.77 -19.99
C ARG B 120 -18.69 -18.42 -20.70
N VAL B 121 -18.75 -17.33 -19.95
CA VAL B 121 -19.03 -16.04 -20.59
C VAL B 121 -17.84 -15.49 -21.35
N LYS B 122 -16.63 -15.80 -20.93
CA LYS B 122 -15.45 -15.38 -21.68
C LYS B 122 -15.10 -16.33 -22.82
N ASP B 123 -15.80 -17.45 -22.93
CA ASP B 123 -15.59 -18.45 -23.99
C ASP B 123 -14.11 -18.81 -24.08
N SER B 124 -13.51 -19.10 -22.93
CA SER B 124 -12.09 -19.40 -22.88
C SER B 124 -11.77 -20.02 -21.53
N GLU B 125 -10.83 -20.96 -21.52
CA GLU B 125 -10.26 -21.47 -20.28
C GLU B 125 -9.11 -20.62 -19.80
N ASP B 126 -8.69 -19.64 -20.60
CA ASP B 126 -7.57 -18.76 -20.31
C ASP B 126 -8.18 -17.38 -20.06
N VAL B 127 -8.57 -17.14 -18.81
CA VAL B 127 -9.13 -15.87 -18.36
C VAL B 127 -8.27 -15.39 -17.21
N PRO B 128 -7.84 -14.13 -17.20
CA PRO B 128 -7.06 -13.61 -16.07
C PRO B 128 -7.91 -13.67 -14.80
N MET B 129 -7.37 -14.35 -13.80
CA MET B 129 -8.07 -14.53 -12.53
C MET B 129 -7.03 -14.61 -11.43
N VAL B 130 -7.43 -14.21 -10.23
CA VAL B 130 -6.61 -14.36 -9.03
C VAL B 130 -7.50 -14.93 -7.96
N LEU B 131 -7.02 -15.92 -7.23
CA LEU B 131 -7.77 -16.50 -6.13
C LEU B 131 -7.41 -15.70 -4.89
N VAL B 132 -8.42 -15.25 -4.15
CA VAL B 132 -8.23 -14.37 -3.00
C VAL B 132 -8.85 -15.03 -1.78
N GLY B 133 -8.03 -15.36 -0.80
CA GLY B 133 -8.54 -15.80 0.49
C GLY B 133 -8.59 -14.64 1.46
N ASN B 134 -9.77 -14.10 1.67
CA ASN B 134 -9.95 -12.91 2.50
C ASN B 134 -10.22 -13.28 3.96
N LYS B 135 -10.16 -12.25 4.83
CA LYS B 135 -10.33 -12.36 6.28
C LYS B 135 -9.16 -13.05 6.97
N SER B 136 -7.96 -12.88 6.40
CA SER B 136 -6.73 -13.47 6.93
C SER B 136 -6.40 -12.98 8.33
N ASP B 137 -7.06 -11.92 8.79
CA ASP B 137 -6.86 -11.43 10.14
C ASP B 137 -7.53 -12.32 11.19
N LEU B 138 -8.39 -13.25 10.78
CA LEU B 138 -9.24 -13.97 11.73
C LEU B 138 -8.55 -15.25 12.20
N PRO B 139 -8.72 -15.58 13.49
CA PRO B 139 -8.10 -16.81 14.03
C PRO B 139 -8.82 -18.09 13.66
N SER B 140 -10.10 -18.03 13.33
CA SER B 140 -10.93 -19.22 13.14
C SER B 140 -10.88 -19.75 11.71
N ARG B 141 -9.66 -19.99 11.22
CA ARG B 141 -9.49 -20.45 9.86
C ARG B 141 -10.09 -21.85 9.67
N THR B 142 -10.83 -22.03 8.58
CA THR B 142 -11.33 -23.35 8.19
C THR B 142 -10.79 -23.85 6.87
N VAL B 143 -10.24 -22.96 6.05
CA VAL B 143 -9.65 -23.31 4.76
C VAL B 143 -8.15 -23.18 4.91
N ASP B 144 -7.43 -24.28 4.73
CA ASP B 144 -5.99 -24.23 4.87
C ASP B 144 -5.37 -23.52 3.67
N THR B 145 -4.32 -22.74 3.93
CA THR B 145 -3.61 -22.09 2.85
C THR B 145 -3.14 -23.09 1.80
N LYS B 146 -2.70 -24.28 2.23
CA LYS B 146 -2.26 -25.27 1.24
C LYS B 146 -3.43 -25.76 0.38
N GLN B 147 -4.61 -25.89 0.98
CA GLN B 147 -5.81 -26.24 0.23
C GLN B 147 -6.07 -25.19 -0.85
N ALA B 148 -5.94 -23.90 -0.50
CA ALA B 148 -6.18 -22.83 -1.45
C ALA B 148 -5.06 -22.73 -2.48
N GLN B 149 -3.81 -22.86 -2.05
CA GLN B 149 -2.68 -22.82 -2.99
C GLN B 149 -2.82 -23.88 -4.06
N ASP B 150 -3.30 -25.06 -3.70
CA ASP B 150 -3.41 -26.14 -4.67
C ASP B 150 -4.60 -25.94 -5.60
N LEU B 151 -5.68 -25.33 -5.11
CA LEU B 151 -6.77 -24.97 -6.02
C LEU B 151 -6.28 -23.98 -7.05
N ALA B 152 -5.55 -22.94 -6.61
CA ALA B 152 -5.03 -21.95 -7.55
C ALA B 152 -4.06 -22.58 -8.53
N ARG B 153 -3.19 -23.48 -8.03
CA ARG B 153 -2.26 -24.17 -8.92
C ARG B 153 -3.00 -25.01 -9.95
N SER B 154 -4.10 -25.65 -9.54
CA SER B 154 -4.88 -26.44 -10.48
C SER B 154 -5.52 -25.56 -11.55
N TYR B 155 -5.81 -24.31 -11.22
CA TYR B 155 -6.34 -23.37 -12.19
C TYR B 155 -5.26 -22.61 -12.95
N GLY B 156 -4.00 -22.72 -12.52
CA GLY B 156 -2.95 -21.95 -13.16
C GLY B 156 -3.02 -20.47 -12.86
N ILE B 157 -3.49 -20.09 -11.68
CA ILE B 157 -3.66 -18.68 -11.35
C ILE B 157 -2.97 -18.38 -10.03
N PRO B 158 -2.66 -17.12 -9.77
CA PRO B 158 -2.04 -16.75 -8.50
C PRO B 158 -3.05 -16.84 -7.37
N PHE B 159 -2.54 -17.04 -6.16
CA PHE B 159 -3.35 -17.04 -4.95
C PHE B 159 -2.73 -16.06 -3.97
N ILE B 160 -3.57 -15.22 -3.36
CA ILE B 160 -3.12 -14.29 -2.33
C ILE B 160 -4.10 -14.28 -1.16
N GLU B 161 -3.56 -14.22 0.05
CA GLU B 161 -4.38 -14.06 1.25
C GLU B 161 -4.46 -12.58 1.57
N THR B 162 -5.67 -12.11 1.85
CA THR B 162 -5.90 -10.71 2.11
C THR B 162 -6.69 -10.54 3.39
N SER B 163 -6.63 -9.31 3.92
CA SER B 163 -7.57 -8.86 4.94
C SER B 163 -8.04 -7.46 4.57
N ALA B 164 -9.33 -7.32 4.24
CA ALA B 164 -9.87 -5.98 4.05
C ALA B 164 -9.82 -5.20 5.35
N LYS B 165 -9.82 -5.90 6.50
CA LYS B 165 -9.80 -5.22 7.80
C LYS B 165 -8.47 -4.54 8.03
N THR B 166 -7.37 -5.27 7.85
CA THR B 166 -6.05 -4.71 8.10
C THR B 166 -5.38 -4.19 6.84
N ARG B 167 -5.97 -4.40 5.67
CA ARG B 167 -5.46 -4.04 4.34
C ARG B 167 -4.35 -4.96 3.83
N GLN B 168 -3.95 -5.98 4.59
CA GLN B 168 -2.91 -6.88 4.10
C GLN B 168 -3.34 -7.49 2.77
N GLY B 169 -2.45 -7.39 1.78
CA GLY B 169 -2.65 -8.03 0.49
C GLY B 169 -3.63 -7.37 -0.45
N VAL B 170 -4.33 -6.32 -0.03
CA VAL B 170 -5.38 -5.76 -0.89
C VAL B 170 -4.80 -5.22 -2.19
N ASP B 171 -3.81 -4.33 -2.10
CA ASP B 171 -3.19 -3.80 -3.30
C ASP B 171 -2.62 -4.91 -4.18
N ASP B 172 -1.90 -5.86 -3.56
CA ASP B 172 -1.29 -6.93 -4.34
C ASP B 172 -2.34 -7.77 -5.06
N ALA B 173 -3.49 -7.99 -4.44
CA ALA B 173 -4.51 -8.79 -5.11
C ALA B 173 -4.96 -8.13 -6.41
N PHE B 174 -5.34 -6.85 -6.34
CA PHE B 174 -5.80 -6.15 -7.54
C PHE B 174 -4.66 -5.93 -8.52
N TYR B 175 -3.48 -5.57 -8.02
CA TYR B 175 -2.38 -5.30 -8.94
C TYR B 175 -1.89 -6.57 -9.61
N THR B 176 -1.92 -7.70 -8.90
CA THR B 176 -1.58 -8.96 -9.53
C THR B 176 -2.57 -9.31 -10.64
N LEU B 177 -3.86 -9.05 -10.41
CA LEU B 177 -4.83 -9.28 -11.47
C LEU B 177 -4.55 -8.40 -12.69
N VAL B 178 -4.19 -7.14 -12.47
CA VAL B 178 -3.81 -6.28 -13.58
C VAL B 178 -2.63 -6.88 -14.35
N ARG B 179 -1.64 -7.39 -13.62
CA ARG B 179 -0.48 -7.98 -14.28
C ARG B 179 -0.87 -9.24 -15.07
N GLU B 180 -1.83 -10.00 -14.55
CA GLU B 180 -2.32 -11.15 -15.31
C GLU B 180 -3.03 -10.70 -16.59
N ILE B 181 -3.81 -9.61 -16.51
CA ILE B 181 -4.49 -9.14 -17.70
C ILE B 181 -3.48 -8.70 -18.75
N ARG B 182 -2.43 -8.00 -18.31
CA ARG B 182 -1.39 -7.54 -19.22
C ARG B 182 -0.83 -8.70 -20.03
N LYS B 183 -0.48 -9.79 -19.36
CA LYS B 183 0.03 -10.97 -20.06
C LYS B 183 -0.96 -11.51 -21.08
N HIS B 184 -2.23 -11.64 -20.69
CA HIS B 184 -3.22 -12.21 -21.58
C HIS B 184 -3.43 -11.34 -22.83
N LYS B 185 -3.37 -10.01 -22.67
CA LYS B 185 -3.60 -9.13 -23.82
C LYS B 185 -2.50 -9.24 -24.85
N GLU B 186 -1.34 -9.78 -24.48
CA GLU B 186 -0.28 -9.92 -25.46
C GLU B 186 -0.53 -11.06 -26.44
N LYS B 187 -1.45 -11.98 -26.12
CA LYS B 187 -1.75 -13.08 -27.03
C LYS B 187 -2.39 -12.60 -28.31
PB GDP C . 19.67 9.55 -0.30
O1B GDP C . 20.46 9.91 0.94
O2B GDP C . 20.34 8.40 -1.05
O3B GDP C . 18.23 9.13 0.02
O3A GDP C . 19.46 10.80 -1.27
PA GDP C . 20.52 12.02 -1.45
O1A GDP C . 20.38 13.05 -0.36
O2A GDP C . 21.91 11.44 -1.58
O5' GDP C . 20.00 12.64 -2.81
C5' GDP C . 20.09 11.83 -4.01
C4' GDP C . 20.15 12.75 -5.21
O4' GDP C . 18.99 13.54 -5.34
C3' GDP C . 21.28 13.75 -5.05
O3' GDP C . 21.84 13.97 -6.34
C2' GDP C . 20.60 15.02 -4.60
O2' GDP C . 21.31 16.19 -5.03
C1' GDP C . 19.27 14.93 -5.29
N9 GDP C . 18.17 15.52 -4.50
C8 GDP C . 17.84 15.20 -3.23
N7 GDP C . 16.73 15.89 -2.87
C5 GDP C . 16.36 16.66 -3.90
C6 GDP C . 15.27 17.59 -4.19
O6 GDP C . 14.40 17.91 -3.34
N1 GDP C . 15.25 18.18 -5.40
C2 GDP C . 16.15 17.90 -6.36
N2 GDP C . 16.01 18.56 -7.54
N3 GDP C . 17.17 17.03 -6.19
C4 GDP C . 17.32 16.39 -4.98
MG MG D . 22.11 9.38 1.93
C10 Y63 E . 16.24 -2.05 7.90
C13 Y63 E . 15.40 1.24 6.02
C15 Y63 E . 17.57 -1.50 3.94
C17 Y63 E . 18.00 1.15 0.20
C20 Y63 E . 19.66 -0.70 0.55
C21 Y63 E . 19.51 0.70 0.03
C24 Y63 E . 22.02 1.81 -0.90
C01 Y63 E . 15.10 0.64 7.00
C02 Y63 E . 14.70 -0.11 8.27
C03 Y63 E . 13.76 0.45 9.10
C04 Y63 E . 13.33 -0.15 10.27
C05 Y63 E . 13.87 -1.35 10.66
C06 Y63 E . 14.81 -1.94 9.83
C07 Y63 E . 15.29 -3.15 10.29
C08 Y63 E . 16.23 -3.81 9.57
C09 Y63 E . 16.67 -3.28 8.39
C11 Y63 E . 16.83 -1.74 6.53
C12 Y63 E . 15.98 -2.08 5.50
C14 Y63 E . 16.32 -1.95 4.21
C16 Y63 E . 18.46 -1.21 5.00
C18 Y63 E . 17.98 -1.34 2.61
C19 Y63 E . 23.98 2.08 -2.33
C23 Y63 E . 21.39 2.18 0.44
C25 Y63 E . 23.45 2.32 -0.92
C30 Y63 E . 19.51 1.86 1.88
C31 Y63 E . 18.01 1.94 1.39
C34 Y63 E . 19.67 0.79 2.92
C36 Y63 E . 15.96 -2.12 1.96
C38 Y63 E . 15.63 -2.66 -0.34
C39 Y63 E . 14.69 -3.58 -1.14
C41 Y63 E . 13.27 -5.17 -0.14
C42 Y63 E . 12.39 -4.24 -1.03
C43 Y63 E . 13.27 -2.99 -1.14
C44 Y63 E . 15.05 -5.88 -1.52
C45 Y63 E . 15.84 -5.08 -2.63
C46 Y63 E . 15.17 -3.70 -2.58
C48 Y63 E . 15.25 -1.36 8.61
F13 Y63 E . 14.70 -2.49 5.79
N17 Y63 E . 18.08 -1.36 6.31
N19 Y63 E . 19.33 -0.87 2.30
N22 Y63 E . 20.14 1.57 0.78
N35 Y63 E . 17.16 -1.68 1.60
N40 Y63 E . 14.66 -4.87 -0.52
N47 Y63 E . 15.51 -2.26 3.20
O01 Y63 E . 24.45 0.95 -2.62
O03 Y63 E . 23.95 3.02 -3.18
O29 Y63 E . 21.90 2.96 1.16
O37 Y63 E . 15.07 -2.48 0.92
PB GDP F . -19.60 -9.12 0.37
O1B GDP F . -19.63 -7.81 -0.37
O2B GDP F . -21.01 -9.57 0.64
O3B GDP F . -18.74 -10.20 -0.27
O3A GDP F . -18.89 -8.85 1.78
PA GDP F . -18.85 -7.52 2.66
O1A GDP F . -17.84 -6.59 2.09
O2A GDP F . -20.25 -6.99 2.81
O5' GDP F . -18.30 -8.07 4.05
C5' GDP F . -19.07 -9.08 4.71
C4' GDP F . -18.75 -9.12 6.19
O4' GDP F . -17.39 -9.49 6.36
C3' GDP F . -18.88 -7.75 6.82
O3' GDP F . -19.39 -8.00 8.13
C2' GDP F . -17.47 -7.22 6.86
O2' GDP F . -17.27 -6.34 7.97
C1' GDP F . -16.69 -8.48 7.09
N9 GDP F . -15.34 -8.47 6.50
C8 GDP F . -15.07 -8.22 5.20
N7 GDP F . -13.74 -8.36 4.98
C5 GDP F . -13.16 -8.71 6.16
C6 GDP F . -11.80 -9.02 6.65
O6 GDP F . -10.82 -9.00 5.89
N1 GDP F . -11.65 -9.34 7.93
C2 GDP F . -12.69 -9.40 8.79
N2 GDP F . -12.43 -9.73 10.08
N3 GDP F . -13.96 -9.13 8.44
C4 GDP F . -14.22 -8.79 7.14
MG MG G . -21.04 -6.56 -1.24
C10 Y63 H . -23.23 -14.82 -12.68
C13 Y63 H . -20.77 -14.39 -9.76
C15 Y63 H . -24.48 -15.32 -8.68
C17 Y63 H . -23.73 -14.99 -4.11
C20 Y63 H . -26.08 -14.86 -5.01
C21 Y63 H . -25.16 -14.32 -3.96
C24 Y63 H . -26.42 -12.25 -2.25
C01 Y63 H . -20.76 -14.51 -10.94
C02 Y63 H . -20.77 -14.64 -12.44
C03 Y63 H . -19.54 -14.63 -13.05
C04 Y63 H . -19.41 -14.72 -14.42
C05 Y63 H . -20.55 -14.84 -15.18
C06 Y63 H . -21.77 -14.87 -14.58
C07 Y63 H . -22.86 -15.00 -15.44
C08 Y63 H . -24.12 -15.02 -14.92
C09 Y63 H . -24.30 -14.95 -13.57
C11 Y63 H . -23.68 -14.85 -11.23
C12 Y63 H . -23.45 -16.08 -10.61
C14 Y63 H . -23.85 -16.33 -9.34
C16 Y63 H . -24.75 -14.10 -9.33
C18 Y63 H . -24.90 -15.49 -7.37
C19 Y63 H . -27.79 -11.24 -0.45
C23 Y63 H . -25.43 -11.97 -3.37
C25 Y63 H . -26.82 -10.93 -1.57
C30 Y63 H . -24.03 -12.84 -5.07
C31 Y63 H . -23.02 -14.01 -4.87
C34 Y63 H . -24.67 -12.90 -6.43
C36 Y63 H . -24.08 -17.63 -7.49
C38 Y63 H . -24.51 -19.10 -5.70
C39 Y63 H . -24.34 -20.59 -5.38
C41 Y63 H . -24.18 -22.19 -7.10
C42 Y63 H . -22.97 -22.39 -6.15
C43 Y63 H . -22.88 -21.00 -5.50
C44 Y63 H . -26.02 -22.24 -5.61
C45 Y63 H . -26.21 -21.54 -4.21
C46 Y63 H . -24.86 -20.85 -3.98
C48 Y63 H . -21.92 -14.77 -13.18
F13 Y63 H . -22.78 -17.09 -11.25
N17 Y63 H . -24.35 -13.87 -10.63
N19 Y63 H . -25.58 -14.42 -6.65
N22 Y63 H . -24.89 -13.06 -4.14
N35 Y63 H . -24.70 -16.68 -6.76
N40 Y63 H . -25.10 -21.35 -6.33
N47 Y63 H . -23.62 -17.50 -8.73
O01 Y63 H . -28.12 -10.33 0.37
O03 Y63 H . -28.27 -12.39 -0.34
O29 Y63 H . -25.09 -10.85 -3.60
O37 Y63 H . -23.85 -18.88 -6.91
#